data_4NF9
#
_entry.id   4NF9
#
_cell.length_a   60.710
_cell.length_b   71.630
_cell.length_c   177.210
_cell.angle_alpha   90.00
_cell.angle_beta   90.00
_cell.angle_gamma   90.00
#
_symmetry.space_group_name_H-M   'P 21 21 21'
#
loop_
_entity.id
_entity.type
_entity.pdbx_description
1 polymer 'Protein CASC5'
2 polymer 'Kinetochore-associated protein NSL1 homolog'
3 non-polymer 'CHLORIDE ION'
4 water water
#
loop_
_entity_poly.entity_id
_entity_poly.type
_entity_poly.pdbx_seq_one_letter_code
_entity_poly.pdbx_strand_id
1 'polypeptide(L)'
;QKQRNRTEELLDQLSLSEWDVVEWSDDQAVFTFVYDTIQLTITFEESVVGFPFLDKRYRKIVDVNFQSLLDEDQAPPSSL
LVHKLIFQYVEEKESWKKTCTTQHQLPK(MSE)LEEFSLVVHHCRLLGEEIEYLKRWGPNYNL(MSE)NIDINNNELRLL
FSSSAAFAKFEITLFLSAYYPSVPLPSTIQNHVGNTSQDDIATILSKVPLENNYLKNVVKQIYQDLFQD
;
A,B
2 'polypeptide(L)' LKRKQTKDCPQRKWYPLRPKKINLDT C,D
#
loop_
_chem_comp.id
_chem_comp.type
_chem_comp.name
_chem_comp.formula
CL non-polymer 'CHLORIDE ION' 'Cl -1'
#
# COMPACT_ATOMS: atom_id res chain seq x y z
N ARG A 6 4.24 1.42 -8.93
CA ARG A 6 3.42 2.30 -8.07
C ARG A 6 3.13 1.70 -6.69
N THR A 7 2.47 0.53 -6.60
CA THR A 7 2.32 -0.18 -5.29
C THR A 7 3.69 -0.51 -4.71
N GLU A 8 4.60 -0.96 -5.59
CA GLU A 8 5.98 -1.29 -5.26
C GLU A 8 6.68 -0.09 -4.65
N GLU A 9 6.65 1.04 -5.34
CA GLU A 9 7.32 2.22 -4.85
C GLU A 9 6.67 2.85 -3.62
N LEU A 10 5.33 2.89 -3.58
CA LEU A 10 4.56 3.40 -2.41
C LEU A 10 5.11 2.81 -1.13
N LEU A 11 5.52 1.54 -1.18
CA LEU A 11 6.26 0.90 -0.11
C LEU A 11 7.61 1.58 0.08
N ASP A 12 8.20 1.98 -1.05
CA ASP A 12 9.50 2.65 -1.07
C ASP A 12 9.42 3.97 -0.33
N GLN A 13 8.27 4.62 -0.43
CA GLN A 13 8.05 5.93 0.17
C GLN A 13 8.23 5.90 1.68
N LEU A 14 7.92 4.76 2.30
CA LEU A 14 7.96 4.66 3.75
C LEU A 14 9.36 4.96 4.29
N SER A 15 10.40 4.47 3.63
CA SER A 15 11.77 4.92 3.96
C SER A 15 12.33 5.81 2.83
N LEU A 16 12.33 7.14 3.09
CA LEU A 16 12.55 8.20 2.05
C LEU A 16 13.92 8.19 1.35
N SER A 17 13.95 8.42 0.05
CA SER A 17 15.28 8.40 -0.62
C SER A 17 15.45 9.54 -1.65
N GLU A 18 15.33 10.76 -1.15
CA GLU A 18 15.03 11.94 -1.95
C GLU A 18 16.32 12.59 -2.51
N TRP A 19 17.49 12.18 -2.00
CA TRP A 19 18.73 12.88 -2.36
C TRP A 19 19.90 12.02 -2.76
N ASP A 20 20.79 12.62 -3.56
CA ASP A 20 22.04 12.04 -3.98
C ASP A 20 23.22 12.83 -3.36
N VAL A 21 24.12 12.18 -2.62
CA VAL A 21 25.38 12.80 -2.30
C VAL A 21 26.42 12.87 -3.47
N VAL A 22 26.88 14.08 -3.74
CA VAL A 22 27.70 14.38 -4.89
C VAL A 22 29.06 15.01 -4.57
N GLU A 23 29.25 15.50 -3.34
CA GLU A 23 30.57 15.85 -2.82
C GLU A 23 30.63 15.67 -1.30
N TRP A 24 31.78 15.20 -0.83
CA TRP A 24 32.11 15.11 0.60
C TRP A 24 33.56 15.55 0.82
N SER A 25 33.85 16.84 0.68
CA SER A 25 35.18 17.45 0.60
C SER A 25 35.58 17.73 2.01
N ASP A 26 36.85 18.12 2.20
CA ASP A 26 37.19 18.97 3.38
C ASP A 26 36.31 20.24 3.40
N ASP A 27 36.21 20.88 2.24
CA ASP A 27 35.44 22.12 2.10
C ASP A 27 33.94 22.05 2.18
N GLN A 28 33.32 21.15 1.46
CA GLN A 28 31.87 21.18 1.43
C GLN A 28 31.31 19.83 1.15
N ALA A 29 30.08 19.64 1.62
CA ALA A 29 29.24 18.55 1.20
C ALA A 29 28.13 19.05 0.24
N VAL A 30 28.01 18.45 -0.95
CA VAL A 30 26.88 18.77 -1.84
C VAL A 30 25.82 17.63 -2.02
N PHE A 31 24.53 17.98 -1.90
CA PHE A 31 23.40 17.08 -2.20
C PHE A 31 22.39 17.62 -3.19
N THR A 32 21.93 16.81 -4.14
CA THR A 32 20.88 17.27 -5.05
C THR A 32 19.48 16.66 -4.70
N PHE A 33 18.41 17.25 -5.21
CA PHE A 33 17.09 16.74 -5.04
C PHE A 33 16.32 16.95 -6.29
N VAL A 34 15.16 16.27 -6.33
CA VAL A 34 14.21 16.38 -7.44
C VAL A 34 14.88 16.24 -8.83
N TYR A 35 15.45 15.09 -9.17
CA TYR A 35 16.09 15.05 -10.49
C TYR A 35 17.22 16.06 -10.57
N ASP A 36 17.72 16.54 -9.44
CA ASP A 36 18.89 17.44 -9.40
C ASP A 36 18.62 18.85 -9.70
N THR A 37 17.38 19.21 -9.77
CA THR A 37 17.04 20.58 -10.00
C THR A 37 17.16 21.38 -8.69
N ILE A 38 17.08 20.74 -7.52
CA ILE A 38 17.43 21.40 -6.24
C ILE A 38 18.80 20.98 -5.72
N GLN A 39 19.70 21.92 -5.43
CA GLN A 39 21.09 21.65 -4.96
C GLN A 39 21.37 22.26 -3.56
N LEU A 40 21.83 21.44 -2.62
CA LEU A 40 22.12 21.86 -1.25
C LEU A 40 23.64 21.91 -1.21
N THR A 41 24.26 23.07 -0.93
CA THR A 41 25.69 23.07 -0.64
C THR A 41 25.93 23.38 0.85
N ILE A 42 26.53 22.42 1.57
CA ILE A 42 26.92 22.63 2.95
C ILE A 42 28.41 22.92 2.99
N THR A 43 28.77 24.14 3.41
CA THR A 43 30.16 24.59 3.61
C THR A 43 30.62 24.42 5.06
N PHE A 44 31.79 23.85 5.23
CA PHE A 44 32.33 23.62 6.55
C PHE A 44 33.36 24.66 6.95
N GLU A 45 33.58 24.87 8.25
CA GLU A 45 34.67 25.75 8.66
C GLU A 45 36.00 25.18 8.18
N GLU A 46 37.01 26.02 8.01
CA GLU A 46 38.30 25.53 7.54
C GLU A 46 39.08 25.02 8.75
N SER A 47 39.91 24.00 8.55
CA SER A 47 40.77 23.42 9.56
C SER A 47 42.19 23.08 8.96
N VAL A 48 43.15 22.97 9.87
CA VAL A 48 44.50 22.58 9.58
C VAL A 48 44.65 21.05 9.41
N VAL A 49 43.58 20.31 9.76
CA VAL A 49 43.54 18.83 9.59
C VAL A 49 42.41 18.41 8.59
N GLY A 50 42.49 17.21 8.02
CA GLY A 50 41.37 16.64 7.26
C GLY A 50 40.15 16.34 8.15
N PHE A 51 38.99 16.13 7.53
CA PHE A 51 37.76 15.85 8.29
C PHE A 51 37.81 14.41 8.87
N PRO A 52 38.70 13.55 8.31
CA PRO A 52 38.81 12.23 8.94
C PRO A 52 39.34 12.40 10.35
N PHE A 53 40.05 13.48 10.63
CA PHE A 53 40.65 13.71 11.95
C PHE A 53 39.80 14.53 12.92
N LEU A 54 38.60 14.89 12.48
CA LEU A 54 37.74 15.78 13.23
C LEU A 54 36.46 15.06 13.66
N ASP A 55 35.93 15.40 14.83
CA ASP A 55 34.75 14.78 15.40
C ASP A 55 33.60 15.47 14.80
N LYS A 56 32.70 14.69 14.23
CA LYS A 56 31.55 15.28 13.53
C LYS A 56 30.67 16.11 14.52
N ARG A 57 30.70 15.79 15.80
CA ARG A 57 29.88 16.52 16.74
C ARG A 57 30.42 17.96 16.93
N TYR A 58 31.60 18.21 16.38
CA TYR A 58 32.27 19.51 16.56
C TYR A 58 32.74 20.13 15.28
N ARG A 59 32.47 19.53 14.14
CA ARG A 59 32.81 20.16 12.89
C ARG A 59 31.71 21.20 12.52
N LYS A 60 32.08 22.48 12.64
CA LYS A 60 31.24 23.65 12.35
C LYS A 60 30.86 23.78 10.90
N ILE A 61 29.57 24.05 10.71
CA ILE A 61 29.05 24.48 9.39
C ILE A 61 29.08 25.98 9.29
N VAL A 62 29.89 26.44 8.34
CA VAL A 62 29.97 27.84 7.93
C VAL A 62 28.73 28.35 7.18
N ASP A 63 28.22 27.52 6.29
CA ASP A 63 27.12 27.90 5.41
C ASP A 63 26.17 26.74 5.17
N VAL A 64 24.94 27.10 4.84
CA VAL A 64 23.96 26.19 4.24
C VAL A 64 23.31 26.95 3.11
N ASN A 65 23.53 26.48 1.88
CA ASN A 65 23.05 27.16 0.69
C ASN A 65 22.21 26.28 -0.24
N PHE A 66 20.87 26.39 -0.15
CA PHE A 66 19.94 25.80 -1.14
C PHE A 66 19.88 26.55 -2.45
N GLN A 67 19.72 25.83 -3.57
CA GLN A 67 19.58 26.44 -4.94
C GLN A 67 18.51 25.73 -5.78
N SER A 68 17.69 26.44 -6.56
CA SER A 68 16.85 25.82 -7.59
C SER A 68 17.60 25.90 -8.93
N LEU A 69 17.69 24.80 -9.65
CA LEU A 69 18.45 24.80 -10.92
C LEU A 69 17.47 24.46 -12.00
N LEU A 70 16.18 24.62 -11.68
CA LEU A 70 15.14 24.28 -12.64
C LEU A 70 15.16 25.26 -13.78
N ASP A 71 15.00 24.81 -15.02
CA ASP A 71 14.83 25.76 -16.14
C ASP A 71 13.41 26.40 -16.18
N GLU A 72 13.26 27.57 -15.58
CA GLU A 72 11.90 28.14 -15.42
C GLU A 72 11.12 28.47 -16.72
N ASP A 73 11.85 28.72 -17.80
CA ASP A 73 11.27 28.93 -19.13
C ASP A 73 10.74 27.62 -19.68
N GLN A 74 11.51 26.56 -19.56
CA GLN A 74 11.15 25.27 -20.11
C GLN A 74 10.24 24.46 -19.25
N ALA A 75 10.31 24.60 -17.93
CA ALA A 75 9.40 23.81 -17.01
C ALA A 75 7.94 24.05 -17.22
N PRO A 76 7.16 23.00 -17.01
CA PRO A 76 5.70 23.05 -16.93
C PRO A 76 5.28 23.65 -15.58
N PRO A 77 4.03 24.09 -15.47
CA PRO A 77 3.56 24.76 -14.26
C PRO A 77 3.61 23.88 -13.01
N SER A 78 3.25 22.61 -13.11
CA SER A 78 3.29 21.72 -11.96
C SER A 78 4.67 21.71 -11.29
N SER A 79 5.72 21.56 -12.13
CA SER A 79 7.09 21.45 -11.66
C SER A 79 7.43 22.76 -10.98
N LEU A 80 7.16 23.89 -11.66
CA LEU A 80 7.25 25.23 -11.04
C LEU A 80 6.52 25.35 -9.70
N LEU A 81 5.37 24.71 -9.53
CA LEU A 81 4.66 24.86 -8.26
C LEU A 81 5.42 24.09 -7.19
N VAL A 82 6.06 23.01 -7.63
CA VAL A 82 6.81 22.15 -6.72
C VAL A 82 7.96 22.95 -6.11
N HIS A 83 8.86 23.46 -6.97
CA HIS A 83 9.82 24.45 -6.49
C HIS A 83 9.21 25.60 -5.68
N LYS A 84 8.09 26.17 -6.09
CA LYS A 84 7.53 27.27 -5.26
C LYS A 84 7.31 26.84 -3.81
N LEU A 85 6.67 25.68 -3.67
CA LEU A 85 6.32 25.22 -2.35
C LEU A 85 7.53 24.77 -1.55
N ILE A 86 8.51 24.17 -2.21
CA ILE A 86 9.61 23.54 -1.47
C ILE A 86 10.40 24.64 -0.78
N PHE A 87 10.66 25.68 -1.57
CA PHE A 87 11.51 26.74 -1.11
C PHE A 87 10.80 27.68 -0.19
N GLN A 88 9.48 27.76 -0.30
CA GLN A 88 8.69 28.44 0.74
C GLN A 88 8.95 27.84 2.14
N TYR A 89 9.00 26.51 2.22
CA TYR A 89 9.49 25.82 3.42
C TYR A 89 10.95 26.21 3.81
N VAL A 90 11.90 26.16 2.86
CA VAL A 90 13.27 26.57 3.17
C VAL A 90 13.25 27.96 3.78
N GLU A 91 12.50 28.88 3.16
CA GLU A 91 12.32 30.20 3.78
C GLU A 91 11.81 30.11 5.20
N GLU A 92 10.70 29.43 5.42
CA GLU A 92 10.23 29.33 6.78
C GLU A 92 11.33 28.88 7.78
N LYS A 93 12.12 27.87 7.39
CA LYS A 93 13.15 27.27 8.28
C LYS A 93 14.44 28.02 8.22
N GLU A 94 14.45 29.14 7.52
CA GLU A 94 15.67 29.90 7.26
C GLU A 94 16.89 29.08 6.83
N SER A 95 16.68 28.09 5.96
CA SER A 95 17.79 27.23 5.53
C SER A 95 18.40 26.42 6.66
N TRP A 96 17.62 26.27 7.76
CA TRP A 96 18.07 25.58 9.01
C TRP A 96 19.37 26.21 9.56
N LYS A 97 19.60 27.49 9.29
CA LYS A 97 20.91 28.10 9.57
C LYS A 97 21.16 28.28 11.02
N LYS A 98 20.10 28.49 11.79
CA LYS A 98 20.23 28.63 13.21
C LYS A 98 20.33 27.26 13.96
N THR A 99 19.72 26.21 13.42
CA THR A 99 19.65 24.90 14.10
C THR A 99 20.60 23.81 13.56
N CYS A 100 20.95 23.86 12.27
CA CYS A 100 21.92 22.93 11.71
C CYS A 100 23.34 23.54 11.61
N THR A 101 24.11 23.40 12.68
CA THR A 101 25.37 24.19 12.80
C THR A 101 26.67 23.42 12.74
N THR A 102 26.56 22.11 13.01
CA THR A 102 27.66 21.15 12.96
C THR A 102 27.24 19.92 12.17
N GLN A 103 28.24 19.20 11.66
CA GLN A 103 28.02 18.10 10.73
C GLN A 103 27.22 16.99 11.39
N HIS A 104 27.46 16.81 12.65
CA HIS A 104 26.56 16.00 13.47
C HIS A 104 25.09 16.24 13.21
N GLN A 105 24.66 17.46 12.90
CA GLN A 105 23.20 17.78 12.86
C GLN A 105 22.53 17.69 11.49
N LEU A 106 23.36 17.30 10.52
CA LEU A 106 23.05 17.35 9.13
C LEU A 106 22.05 16.30 8.71
N PRO A 107 22.18 14.99 9.17
CA PRO A 107 21.17 13.97 8.80
C PRO A 107 19.75 14.33 9.22
N LYS A 108 19.51 14.80 10.45
CA LYS A 108 18.16 15.17 10.87
C LYS A 108 17.66 16.35 10.06
N MSE A 109 18.55 17.24 9.59
CA MSE A 109 18.08 18.29 8.69
C MSE A 109 17.71 17.73 7.34
O MSE A 109 16.63 18.06 6.85
CB MSE A 109 19.05 19.42 8.52
CG MSE A 109 18.49 20.58 7.71
SE MSE A 109 19.14 20.44 5.84
CE MSE A 109 20.76 21.53 6.01
N LEU A 110 18.58 16.91 6.71
CA LEU A 110 18.28 16.29 5.42
C LEU A 110 16.98 15.47 5.51
N GLU A 111 16.62 15.02 6.72
CA GLU A 111 15.40 14.21 6.88
C GLU A 111 14.28 15.17 6.81
N GLU A 112 14.29 16.19 7.67
CA GLU A 112 13.22 17.17 7.74
C GLU A 112 12.86 17.74 6.36
N PHE A 113 13.92 17.98 5.57
CA PHE A 113 13.80 18.62 4.25
C PHE A 113 13.32 17.62 3.25
N SER A 114 13.90 16.40 3.28
CA SER A 114 13.47 15.34 2.37
C SER A 114 11.98 15.09 2.42
N LEU A 115 11.38 15.20 3.61
CA LEU A 115 9.97 14.87 3.80
C LEU A 115 9.10 15.85 3.00
N VAL A 116 9.39 17.14 3.16
CA VAL A 116 8.69 18.10 2.39
C VAL A 116 9.06 17.96 0.92
N VAL A 117 10.34 17.77 0.55
CA VAL A 117 10.65 17.53 -0.87
C VAL A 117 9.79 16.40 -1.40
N HIS A 118 9.68 15.34 -0.60
CA HIS A 118 8.97 14.13 -0.98
C HIS A 118 7.49 14.26 -1.26
N HIS A 119 6.77 14.98 -0.41
CA HIS A 119 5.35 15.28 -0.67
C HIS A 119 5.12 16.29 -1.73
N CYS A 120 5.89 17.36 -1.72
CA CYS A 120 5.71 18.34 -2.77
C CYS A 120 5.99 17.74 -4.17
N ARG A 121 7.03 16.92 -4.33
CA ARG A 121 7.28 16.29 -5.61
C ARG A 121 6.14 15.42 -6.10
N LEU A 122 5.52 14.67 -5.16
CA LEU A 122 4.32 13.81 -5.44
C LEU A 122 3.08 14.62 -5.78
N LEU A 123 2.87 15.75 -5.11
CA LEU A 123 1.84 16.71 -5.51
C LEU A 123 2.00 17.13 -6.96
N GLY A 124 3.23 17.30 -7.39
CA GLY A 124 3.56 17.60 -8.80
C GLY A 124 3.08 16.51 -9.72
N GLU A 125 3.43 15.29 -9.34
CA GLU A 125 2.91 14.10 -9.99
C GLU A 125 1.37 14.03 -10.13
N GLU A 126 0.62 14.20 -9.01
CA GLU A 126 -0.86 14.22 -9.07
C GLU A 126 -1.42 15.27 -10.02
N ILE A 127 -0.81 16.44 -10.03
CA ILE A 127 -1.23 17.45 -10.98
C ILE A 127 -1.01 16.98 -12.42
N GLU A 128 0.22 16.61 -12.85
CA GLU A 128 0.42 16.07 -14.20
C GLU A 128 -0.57 14.94 -14.57
N TYR A 129 -0.95 14.13 -13.58
CA TYR A 129 -1.97 13.07 -13.78
C TYR A 129 -3.35 13.67 -14.09
N LEU A 130 -3.85 14.56 -13.23
CA LEU A 130 -5.15 15.20 -13.42
C LEU A 130 -5.17 15.98 -14.71
N LYS A 131 -3.98 16.31 -15.21
CA LYS A 131 -3.82 17.05 -16.44
C LYS A 131 -4.02 16.14 -17.64
N ARG A 132 -3.91 14.82 -17.44
CA ARG A 132 -4.03 13.88 -18.53
C ARG A 132 -5.35 13.12 -18.40
N TRP A 133 -5.80 12.79 -17.20
CA TRP A 133 -7.07 12.06 -17.04
C TRP A 133 -8.20 12.90 -16.51
N GLY A 134 -8.01 14.20 -16.44
CA GLY A 134 -8.95 15.07 -15.71
C GLY A 134 -10.36 15.02 -16.26
N PRO A 135 -10.51 15.08 -17.62
CA PRO A 135 -11.82 14.90 -18.24
C PRO A 135 -12.68 13.79 -17.60
N ASN A 136 -12.16 12.56 -17.46
CA ASN A 136 -12.92 11.48 -16.84
C ASN A 136 -13.48 11.86 -15.49
N TYR A 137 -13.00 12.97 -14.95
CA TYR A 137 -13.54 13.37 -13.68
C TYR A 137 -14.38 14.60 -13.93
N ASN A 138 -14.41 15.02 -15.21
CA ASN A 138 -15.14 16.24 -15.59
C ASN A 138 -14.35 17.52 -15.27
N LEU A 139 -13.11 17.30 -14.84
CA LEU A 139 -12.17 18.35 -14.59
C LEU A 139 -11.61 18.83 -15.93
N MSE A 140 -12.13 19.97 -16.39
CA MSE A 140 -11.94 20.32 -17.78
C MSE A 140 -10.69 21.12 -17.89
O MSE A 140 -10.04 21.14 -18.93
CB MSE A 140 -13.17 21.02 -18.41
CG MSE A 140 -14.42 20.16 -18.70
SE MSE A 140 -14.03 18.34 -19.36
CE MSE A 140 -12.98 18.77 -21.00
N ASN A 141 -10.32 21.79 -16.79
CA ASN A 141 -9.12 22.60 -16.78
C ASN A 141 -8.48 22.68 -15.41
N ILE A 142 -7.14 22.80 -15.41
CA ILE A 142 -6.38 23.11 -14.21
C ILE A 142 -5.48 24.32 -14.37
N ASP A 143 -5.64 25.28 -13.49
CA ASP A 143 -4.89 26.49 -13.59
C ASP A 143 -4.09 26.65 -12.31
N ILE A 144 -2.76 26.84 -12.46
CA ILE A 144 -1.90 27.11 -11.30
C ILE A 144 -1.39 28.55 -11.34
N ASN A 145 -1.63 29.25 -10.26
CA ASN A 145 -1.20 30.59 -10.16
C ASN A 145 -0.75 30.83 -8.72
N ASN A 146 0.57 30.83 -8.48
CA ASN A 146 1.08 31.29 -7.19
C ASN A 146 0.43 30.67 -5.94
N ASN A 147 0.54 29.34 -5.80
CA ASN A 147 0.07 28.66 -4.61
C ASN A 147 -1.43 28.43 -4.62
N GLU A 148 -2.03 28.75 -5.76
CA GLU A 148 -3.46 28.62 -5.95
C GLU A 148 -3.70 27.67 -7.10
N LEU A 149 -4.60 26.73 -6.83
CA LEU A 149 -4.94 25.68 -7.74
C LEU A 149 -6.40 25.85 -8.18
N ARG A 150 -6.59 26.08 -9.47
CA ARG A 150 -7.90 26.43 -10.00
C ARG A 150 -8.41 25.26 -10.78
N LEU A 151 -9.44 24.65 -10.20
CA LEU A 151 -10.06 23.50 -10.84
C LEU A 151 -11.38 23.89 -11.49
N LEU A 152 -11.49 23.58 -12.78
CA LEU A 152 -12.72 23.86 -13.55
C LEU A 152 -13.47 22.58 -13.91
N PHE A 153 -14.60 22.37 -13.23
CA PHE A 153 -15.49 21.24 -13.55
C PHE A 153 -16.64 21.66 -14.47
N SER A 154 -16.88 20.84 -15.51
CA SER A 154 -17.92 21.13 -16.52
C SER A 154 -18.63 19.89 -17.06
N SER A 155 -19.94 19.81 -16.79
CA SER A 155 -20.83 18.80 -17.44
C SER A 155 -22.25 19.31 -17.69
N SER A 156 -22.55 19.45 -18.98
CA SER A 156 -23.92 19.74 -19.39
C SER A 156 -24.94 18.75 -18.74
N ALA A 157 -24.65 17.46 -18.92
CA ALA A 157 -25.44 16.38 -18.41
C ALA A 157 -25.79 16.51 -16.91
N ALA A 158 -24.87 17.02 -16.08
CA ALA A 158 -25.19 17.12 -14.64
C ALA A 158 -25.73 18.49 -14.38
N PHE A 159 -25.71 19.27 -15.47
CA PHE A 159 -25.97 20.70 -15.41
C PHE A 159 -25.25 21.34 -14.20
N ALA A 160 -23.90 21.23 -14.25
CA ALA A 160 -23.00 21.96 -13.34
C ALA A 160 -21.70 22.33 -14.02
N LYS A 161 -21.30 23.57 -13.75
CA LYS A 161 -20.01 24.13 -14.15
C LYS A 161 -19.60 25.12 -13.10
N PHE A 162 -18.44 24.90 -12.53
CA PHE A 162 -17.96 25.79 -11.49
C PHE A 162 -16.44 25.69 -11.42
N GLU A 163 -15.86 26.71 -10.80
CA GLU A 163 -14.44 26.72 -10.48
C GLU A 163 -14.11 26.72 -8.99
N ILE A 164 -13.38 25.70 -8.59
CA ILE A 164 -12.90 25.59 -7.25
C ILE A 164 -11.43 26.05 -7.18
N THR A 165 -11.13 26.96 -6.24
CA THR A 165 -9.74 27.39 -5.99
C THR A 165 -9.21 26.82 -4.68
N LEU A 166 -8.18 25.99 -4.81
CA LEU A 166 -7.57 25.40 -3.64
C LEU A 166 -6.23 26.08 -3.39
N PHE A 167 -5.99 26.40 -2.11
CA PHE A 167 -4.79 27.08 -1.69
C PHE A 167 -3.85 26.07 -1.10
N LEU A 168 -2.76 25.79 -1.80
CA LEU A 168 -1.76 24.84 -1.35
C LEU A 168 -0.60 25.46 -0.57
N SER A 169 -0.03 24.66 0.33
CA SER A 169 1.17 25.00 1.05
C SER A 169 2.22 23.85 0.96
N ALA A 170 3.42 24.11 1.46
CA ALA A 170 4.53 23.18 1.56
C ALA A 170 4.19 21.98 2.34
N TYR A 171 3.19 22.14 3.21
CA TYR A 171 2.83 21.15 4.21
C TYR A 171 1.83 20.13 3.72
N TYR A 172 1.65 20.03 2.41
CA TYR A 172 0.71 19.10 1.84
C TYR A 172 1.18 17.68 2.03
N PRO A 173 0.24 16.71 2.10
CA PRO A 173 -1.17 17.01 2.06
C PRO A 173 -1.88 16.94 3.42
N SER A 174 -1.15 16.89 4.50
CA SER A 174 -1.76 16.78 5.84
C SER A 174 -2.71 17.94 6.25
N VAL A 175 -2.31 19.17 5.94
CA VAL A 175 -3.13 20.35 6.22
C VAL A 175 -4.42 20.36 5.39
N PRO A 176 -5.55 20.75 6.02
CA PRO A 176 -6.82 20.84 5.31
C PRO A 176 -6.78 22.05 4.41
N LEU A 177 -7.03 21.85 3.13
CA LEU A 177 -6.95 22.94 2.15
C LEU A 177 -8.05 23.97 2.35
N PRO A 178 -7.72 25.21 2.06
CA PRO A 178 -8.71 26.25 2.02
C PRO A 178 -9.16 26.30 0.60
N SER A 179 -10.45 26.59 0.41
CA SER A 179 -11.00 26.67 -0.94
C SER A 179 -12.06 27.76 -1.11
N THR A 180 -12.38 28.05 -2.37
CA THR A 180 -13.54 28.87 -2.72
C THR A 180 -14.05 28.37 -4.02
N ILE A 181 -15.35 28.62 -4.26
CA ILE A 181 -16.04 28.25 -5.49
C ILE A 181 -16.62 29.44 -6.21
N GLN A 182 -16.24 29.61 -7.47
CA GLN A 182 -16.83 30.59 -8.36
C GLN A 182 -17.85 29.77 -9.21
N ASN A 183 -19.15 29.97 -8.96
CA ASN A 183 -20.18 29.14 -9.65
C ASN A 183 -20.61 29.59 -11.05
N HIS A 184 -20.59 28.71 -12.03
CA HIS A 184 -21.02 29.09 -13.38
C HIS A 184 -22.43 28.61 -13.77
N VAL A 185 -22.67 27.30 -13.60
CA VAL A 185 -23.89 26.60 -13.99
C VAL A 185 -24.27 25.68 -12.83
N GLY A 186 -25.52 25.79 -12.39
CA GLY A 186 -26.01 24.95 -11.30
C GLY A 186 -25.82 25.73 -10.03
N ASN A 187 -26.03 25.08 -8.89
CA ASN A 187 -25.91 25.77 -7.57
C ASN A 187 -25.17 24.94 -6.54
N THR A 188 -23.88 24.76 -6.75
CA THR A 188 -23.06 24.09 -5.75
C THR A 188 -22.63 25.15 -4.76
N SER A 189 -22.80 24.92 -3.47
CA SER A 189 -22.43 25.97 -2.51
C SER A 189 -21.08 25.67 -1.86
N GLN A 190 -20.54 26.66 -1.14
CA GLN A 190 -19.36 26.49 -0.31
C GLN A 190 -19.52 25.28 0.62
N ASP A 191 -20.60 25.21 1.39
CA ASP A 191 -20.92 24.02 2.23
C ASP A 191 -20.85 22.66 1.52
N ASP A 192 -21.27 22.62 0.27
CA ASP A 192 -21.20 21.39 -0.50
C ASP A 192 -19.75 21.02 -0.74
N ILE A 193 -18.93 22.04 -0.95
CA ILE A 193 -17.51 21.80 -1.17
C ILE A 193 -16.75 21.47 0.12
N ALA A 194 -16.93 22.30 1.14
CA ALA A 194 -16.43 22.01 2.49
C ALA A 194 -16.69 20.56 2.86
N THR A 195 -17.91 20.11 2.62
CA THR A 195 -18.30 18.74 2.89
C THR A 195 -17.36 17.81 2.14
N ILE A 196 -17.38 17.87 0.81
CA ILE A 196 -16.66 16.91 -0.01
C ILE A 196 -15.19 16.84 0.39
N LEU A 197 -14.62 17.99 0.74
CA LEU A 197 -13.21 18.08 1.11
C LEU A 197 -12.92 17.33 2.41
N SER A 198 -13.75 17.60 3.43
CA SER A 198 -13.54 17.07 4.77
C SER A 198 -13.88 15.57 4.87
N LYS A 199 -14.14 14.94 3.72
CA LYS A 199 -14.38 13.51 3.68
C LYS A 199 -13.21 12.82 3.05
N VAL A 200 -12.15 13.57 2.77
CA VAL A 200 -10.94 12.98 2.21
C VAL A 200 -9.84 13.14 3.23
N PRO A 201 -9.19 12.04 3.56
CA PRO A 201 -8.12 12.09 4.55
C PRO A 201 -6.86 12.77 4.05
N LEU A 202 -6.19 13.43 4.97
CA LEU A 202 -5.03 14.23 4.69
C LEU A 202 -3.85 13.33 4.61
N GLU A 203 -3.71 12.68 3.48
CA GLU A 203 -2.61 11.80 3.21
C GLU A 203 -2.48 11.72 1.75
N ASN A 204 -1.57 10.92 1.26
CA ASN A 204 -1.22 11.03 -0.14
C ASN A 204 -2.42 10.95 -1.08
N ASN A 205 -2.24 11.60 -2.22
CA ASN A 205 -3.27 11.74 -3.24
C ASN A 205 -4.48 12.55 -2.85
N TYR A 206 -4.38 13.37 -1.82
CA TYR A 206 -5.46 14.24 -1.41
C TYR A 206 -6.03 14.96 -2.63
N LEU A 207 -5.18 15.50 -3.49
CA LEU A 207 -5.71 16.13 -4.71
C LEU A 207 -6.45 15.15 -5.61
N LYS A 208 -5.79 14.08 -6.08
CA LYS A 208 -6.49 13.08 -6.85
C LYS A 208 -7.83 12.62 -6.18
N ASN A 209 -7.81 12.38 -4.88
CA ASN A 209 -8.95 11.81 -4.21
C ASN A 209 -10.05 12.82 -4.06
N VAL A 210 -9.69 14.09 -4.01
CA VAL A 210 -10.67 15.15 -3.80
C VAL A 210 -11.38 15.42 -5.13
N VAL A 211 -10.65 15.27 -6.22
CA VAL A 211 -11.19 15.32 -7.56
C VAL A 211 -12.16 14.16 -7.79
N LYS A 212 -11.74 12.93 -7.53
CA LYS A 212 -12.63 11.74 -7.63
C LYS A 212 -13.85 11.89 -6.75
N GLN A 213 -13.67 12.43 -5.55
CA GLN A 213 -14.77 12.69 -4.65
C GLN A 213 -15.77 13.65 -5.27
N ILE A 214 -15.27 14.74 -5.83
CA ILE A 214 -16.16 15.67 -6.53
C ILE A 214 -16.88 14.98 -7.72
N TYR A 215 -16.15 14.16 -8.48
CA TYR A 215 -16.74 13.50 -9.64
C TYR A 215 -17.83 12.49 -9.29
N GLN A 216 -17.82 11.97 -8.07
CA GLN A 216 -18.89 11.06 -7.60
C GLN A 216 -20.05 11.79 -7.00
N ASP A 217 -19.74 12.66 -6.08
CA ASP A 217 -20.74 13.43 -5.42
C ASP A 217 -21.49 14.35 -6.37
N LEU A 218 -20.82 14.90 -7.35
CA LEU A 218 -21.48 15.86 -8.22
C LEU A 218 -21.74 15.52 -9.66
N PHE A 219 -20.98 14.60 -10.23
CA PHE A 219 -21.16 14.35 -11.63
C PHE A 219 -21.58 12.94 -11.91
N GLN A 220 -21.80 12.21 -10.83
CA GLN A 220 -22.25 10.86 -10.91
C GLN A 220 -23.37 10.72 -9.92
N ASP A 221 -24.49 11.36 -10.21
CA ASP A 221 -25.70 11.18 -9.40
C ASP A 221 -26.60 10.13 -10.05
N SER B 15 -6.05 -8.05 -7.51
CA SER B 15 -5.03 -6.96 -7.53
C SER B 15 -4.83 -6.23 -6.18
N LEU B 16 -5.91 -6.06 -5.39
CA LEU B 16 -5.97 -5.17 -4.17
C LEU B 16 -5.21 -5.64 -2.91
N SER B 17 -4.87 -4.69 -2.01
CA SER B 17 -3.94 -4.96 -0.89
C SER B 17 -4.57 -5.62 0.35
N GLU B 18 -3.99 -6.78 0.71
CA GLU B 18 -4.28 -7.57 1.93
C GLU B 18 -3.67 -6.95 3.20
N TRP B 19 -2.54 -6.28 3.05
CA TRP B 19 -1.75 -5.81 4.16
C TRP B 19 -1.69 -4.34 4.42
N ASP B 20 -1.13 -4.00 5.57
CA ASP B 20 -0.94 -2.62 6.05
C ASP B 20 0.44 -2.52 6.74
N VAL B 21 1.20 -1.46 6.51
CA VAL B 21 2.48 -1.33 7.24
C VAL B 21 2.31 -0.60 8.58
N VAL B 22 2.16 -1.38 9.65
CA VAL B 22 1.99 -0.83 11.01
C VAL B 22 3.21 -0.08 11.58
N GLU B 23 4.40 -0.64 11.36
CA GLU B 23 5.64 -0.05 11.83
C GLU B 23 6.75 -0.19 10.81
N TRP B 24 7.50 0.87 10.57
CA TRP B 24 8.62 0.82 9.64
C TRP B 24 9.82 1.47 10.20
N SER B 25 10.42 0.87 11.22
CA SER B 25 11.55 1.43 11.96
C SER B 25 12.96 1.25 11.40
N ASP B 26 13.90 1.77 12.19
CA ASP B 26 15.35 1.69 12.02
C ASP B 26 15.81 0.32 11.57
N ASP B 27 15.48 -0.68 12.38
CA ASP B 27 15.92 -2.04 12.14
C ASP B 27 14.78 -2.99 11.80
N GLN B 28 13.53 -2.54 12.01
CA GLN B 28 12.33 -3.37 11.90
C GLN B 28 11.12 -2.76 11.25
N ALA B 29 10.51 -3.51 10.34
CA ALA B 29 9.22 -3.15 9.75
C ALA B 29 8.13 -4.18 10.14
N VAL B 30 6.87 -3.75 10.31
CA VAL B 30 5.76 -4.65 10.68
C VAL B 30 4.51 -4.50 9.80
N PHE B 31 4.09 -5.59 9.20
CA PHE B 31 2.87 -5.57 8.38
C PHE B 31 1.78 -6.45 8.98
N THR B 32 0.60 -5.87 9.24
CA THR B 32 -0.51 -6.69 9.69
C THR B 32 -1.40 -7.08 8.53
N PHE B 33 -1.88 -8.32 8.62
CA PHE B 33 -2.87 -8.88 7.72
C PHE B 33 -4.04 -9.54 8.50
N VAL B 34 -5.11 -9.85 7.76
CA VAL B 34 -6.25 -10.61 8.25
C VAL B 34 -6.81 -10.00 9.53
N TYR B 35 -7.22 -8.75 9.40
CA TYR B 35 -7.88 -8.00 10.48
C TYR B 35 -6.96 -7.93 11.69
N ASP B 36 -5.65 -7.85 11.37
CA ASP B 36 -4.57 -7.65 12.33
C ASP B 36 -4.22 -8.89 13.13
N THR B 37 -4.42 -10.07 12.57
CA THR B 37 -4.20 -11.27 13.36
C THR B 37 -3.00 -11.97 12.80
N ILE B 38 -2.50 -11.47 11.69
CA ILE B 38 -1.25 -11.98 11.17
C ILE B 38 -0.21 -10.85 10.97
N GLN B 39 1.04 -11.08 11.40
CA GLN B 39 2.13 -10.11 11.17
C GLN B 39 3.34 -10.72 10.48
N LEU B 40 3.82 -10.03 9.48
CA LEU B 40 5.17 -10.29 8.99
C LEU B 40 6.09 -9.26 9.65
N THR B 41 7.09 -9.70 10.43
CA THR B 41 8.14 -8.77 10.90
C THR B 41 9.48 -8.88 10.18
N ILE B 42 9.77 -7.87 9.37
CA ILE B 42 11.05 -7.78 8.72
C ILE B 42 12.08 -7.07 9.63
N THR B 43 13.20 -7.75 9.93
CA THR B 43 14.41 -7.14 10.52
C THR B 43 15.46 -6.83 9.44
N PHE B 44 16.00 -5.62 9.48
CA PHE B 44 17.00 -5.24 8.50
C PHE B 44 18.35 -5.29 9.13
N GLU B 45 19.38 -5.42 8.30
CA GLU B 45 20.76 -5.44 8.79
C GLU B 45 21.19 -4.03 9.22
N GLU B 46 21.82 -3.94 10.40
CA GLU B 46 22.52 -2.70 10.77
C GLU B 46 23.64 -2.47 9.76
N SER B 47 23.89 -1.23 9.39
CA SER B 47 24.99 -1.04 8.46
C SER B 47 26.20 -0.35 9.00
N VAL B 48 27.35 -0.85 8.56
CA VAL B 48 28.61 -0.35 9.03
C VAL B 48 28.97 0.95 8.28
N VAL B 49 28.35 1.13 7.10
CA VAL B 49 28.58 2.32 6.27
C VAL B 49 27.92 3.57 6.87
N GLY B 50 28.65 4.70 6.85
CA GLY B 50 28.28 5.91 7.58
C GLY B 50 27.60 6.99 6.77
N PHE B 51 26.85 7.84 7.45
CA PHE B 51 26.22 8.97 6.79
C PHE B 51 27.32 9.84 6.18
N PRO B 52 27.12 10.30 4.95
CA PRO B 52 26.00 10.19 4.10
C PRO B 52 26.15 9.07 2.99
N PHE B 53 26.84 7.99 3.29
CA PHE B 53 27.18 7.01 2.26
C PHE B 53 26.30 5.77 2.28
N LEU B 54 25.25 5.79 3.11
CA LEU B 54 24.33 4.70 3.16
C LEU B 54 22.97 5.11 2.63
N ASP B 55 22.51 4.52 1.51
CA ASP B 55 21.09 4.67 1.13
C ASP B 55 20.29 3.64 1.90
N LYS B 56 19.25 4.10 2.56
CA LYS B 56 18.41 3.21 3.38
C LYS B 56 17.75 2.09 2.55
N ARG B 57 17.41 2.42 1.30
CA ARG B 57 16.89 1.49 0.25
C ARG B 57 17.71 0.22 0.11
N TYR B 58 18.96 0.23 0.56
CA TYR B 58 19.77 -0.91 0.33
C TYR B 58 20.11 -1.67 1.61
N ARG B 59 19.45 -1.37 2.72
CA ARG B 59 19.65 -2.15 3.95
C ARG B 59 19.21 -3.58 3.64
N LYS B 60 20.08 -4.55 3.91
CA LYS B 60 19.77 -5.95 3.60
C LYS B 60 18.75 -6.44 4.60
N ILE B 61 17.88 -7.34 4.19
CA ILE B 61 16.87 -7.85 5.12
C ILE B 61 17.37 -9.12 5.80
N VAL B 62 17.69 -8.99 7.09
CA VAL B 62 18.22 -10.10 7.88
C VAL B 62 17.25 -11.27 8.08
N ASP B 63 15.98 -10.97 8.32
CA ASP B 63 15.01 -12.01 8.63
C ASP B 63 13.55 -11.62 8.36
N VAL B 64 12.70 -12.64 8.25
CA VAL B 64 11.26 -12.48 8.12
C VAL B 64 10.49 -13.40 9.08
N ASN B 65 9.99 -12.83 10.16
CA ASN B 65 9.35 -13.62 11.18
C ASN B 65 7.81 -13.59 11.17
N PHE B 66 7.20 -14.73 10.80
CA PHE B 66 5.73 -14.91 10.80
C PHE B 66 5.04 -15.02 12.20
N GLN B 67 3.92 -14.36 12.42
CA GLN B 67 3.19 -14.55 13.70
C GLN B 67 1.67 -14.54 13.57
N SER B 68 1.01 -15.32 14.42
CA SER B 68 -0.45 -15.27 14.54
C SER B 68 -0.99 -14.82 15.91
N LEU B 69 -1.75 -13.73 15.91
CA LEU B 69 -2.34 -13.24 17.15
C LEU B 69 -3.73 -13.84 17.38
N LEU B 70 -4.10 -14.80 16.54
CA LEU B 70 -5.40 -15.46 16.69
C LEU B 70 -5.42 -16.27 17.95
N ASP B 71 -6.49 -16.12 18.72
CA ASP B 71 -6.69 -16.84 19.97
C ASP B 71 -7.33 -18.17 19.65
N GLU B 72 -6.55 -19.25 19.66
CA GLU B 72 -7.02 -20.47 19.01
C GLU B 72 -8.05 -21.12 19.89
N ASP B 73 -7.97 -20.81 21.17
CA ASP B 73 -8.96 -21.21 22.17
C ASP B 73 -10.32 -20.60 21.90
N GLN B 74 -10.32 -19.33 21.51
CA GLN B 74 -11.55 -18.66 21.15
C GLN B 74 -12.05 -18.86 19.71
N ALA B 75 -11.14 -18.90 18.75
CA ALA B 75 -11.54 -18.76 17.35
C ALA B 75 -12.38 -19.94 16.85
N PRO B 76 -13.31 -19.70 15.91
CA PRO B 76 -13.99 -20.80 15.24
C PRO B 76 -13.00 -21.58 14.39
N PRO B 77 -13.24 -22.87 14.17
CA PRO B 77 -12.34 -23.74 13.41
C PRO B 77 -11.93 -23.22 12.02
N SER B 78 -12.81 -22.53 11.31
CA SER B 78 -12.48 -22.07 9.96
C SER B 78 -11.29 -21.10 9.97
N SER B 79 -11.35 -20.23 10.96
CA SER B 79 -10.37 -19.21 11.23
C SER B 79 -9.05 -19.88 11.50
N LEU B 80 -9.00 -20.86 12.42
CA LEU B 80 -7.78 -21.67 12.61
C LEU B 80 -7.29 -22.29 11.33
N LEU B 81 -8.21 -22.72 10.48
CA LEU B 81 -7.85 -23.46 9.34
C LEU B 81 -7.11 -22.49 8.43
N VAL B 82 -7.54 -21.21 8.49
CA VAL B 82 -7.03 -20.20 7.57
C VAL B 82 -5.62 -19.84 7.97
N HIS B 83 -5.44 -19.66 9.28
CA HIS B 83 -4.10 -19.39 9.80
C HIS B 83 -3.18 -20.54 9.58
N LYS B 84 -3.62 -21.75 9.95
CA LYS B 84 -2.79 -22.91 9.75
C LYS B 84 -2.29 -23.04 8.34
N LEU B 85 -3.10 -22.68 7.35
CA LEU B 85 -2.75 -22.91 5.97
C LEU B 85 -1.71 -21.88 5.55
N ILE B 86 -1.93 -20.64 5.97
CA ILE B 86 -0.99 -19.57 5.68
C ILE B 86 0.33 -19.90 6.36
N PHE B 87 0.28 -20.31 7.62
CA PHE B 87 1.47 -20.79 8.29
C PHE B 87 2.20 -21.86 7.44
N GLN B 88 1.48 -22.78 6.86
CA GLN B 88 2.11 -23.76 6.07
C GLN B 88 2.83 -23.21 4.83
N TYR B 89 2.29 -22.13 4.24
CA TYR B 89 2.91 -21.53 3.08
C TYR B 89 4.23 -20.96 3.54
N VAL B 90 4.20 -20.32 4.72
CA VAL B 90 5.38 -19.73 5.30
C VAL B 90 6.42 -20.83 5.49
N GLU B 91 6.02 -21.92 6.14
CA GLU B 91 6.89 -23.08 6.34
C GLU B 91 7.52 -23.58 5.06
N GLU B 92 6.74 -23.73 4.00
CA GLU B 92 7.28 -24.26 2.76
C GLU B 92 8.31 -23.30 2.14
N LYS B 93 8.24 -22.04 2.53
CA LYS B 93 9.13 -21.01 2.00
C LYS B 93 10.26 -20.66 2.99
N GLU B 94 10.27 -21.36 4.11
CA GLU B 94 11.28 -21.15 5.14
C GLU B 94 11.40 -19.70 5.60
N SER B 95 10.29 -18.98 5.64
CA SER B 95 10.29 -17.60 6.12
C SER B 95 10.99 -16.68 5.13
N TRP B 96 11.21 -17.19 3.92
CA TRP B 96 11.90 -16.44 2.88
C TRP B 96 13.28 -16.04 3.33
N LYS B 97 13.93 -16.91 4.11
CA LYS B 97 15.27 -16.66 4.61
C LYS B 97 16.29 -16.56 3.46
N LYS B 98 16.15 -17.44 2.49
CA LYS B 98 17.03 -17.47 1.32
C LYS B 98 16.57 -16.61 0.14
N THR B 99 15.27 -16.42 -0.05
CA THR B 99 14.75 -15.71 -1.24
C THR B 99 14.52 -14.21 -1.11
N CYS B 100 14.06 -13.74 0.05
CA CYS B 100 13.84 -12.30 0.31
C CYS B 100 14.99 -11.76 1.17
N THR B 101 16.01 -11.19 0.50
CA THR B 101 17.23 -10.70 1.18
C THR B 101 17.44 -9.18 1.11
N THR B 102 16.92 -8.59 0.05
CA THR B 102 17.03 -7.16 -0.22
C THR B 102 15.63 -6.54 -0.36
N GLN B 103 15.51 -5.26 -0.08
CA GLN B 103 14.25 -4.59 -0.16
C GLN B 103 13.76 -4.49 -1.60
N HIS B 104 14.66 -4.75 -2.54
CA HIS B 104 14.32 -4.77 -3.96
C HIS B 104 13.21 -5.79 -4.24
N GLN B 105 13.34 -6.98 -3.66
CA GLN B 105 12.39 -8.09 -3.88
C GLN B 105 11.35 -8.21 -2.76
N LEU B 106 11.37 -7.32 -1.77
CA LEU B 106 10.38 -7.34 -0.69
C LEU B 106 8.97 -7.10 -1.21
N PRO B 107 8.83 -6.28 -2.26
CA PRO B 107 7.47 -6.08 -2.80
C PRO B 107 6.91 -7.39 -3.45
N LYS B 108 7.74 -8.19 -4.14
CA LYS B 108 7.29 -9.43 -4.83
C LYS B 108 6.91 -10.56 -3.85
N MSE B 109 7.70 -10.74 -2.80
CA MSE B 109 7.36 -11.64 -1.70
C MSE B 109 6.06 -11.20 -1.06
O MSE B 109 5.19 -12.02 -0.81
CB MSE B 109 8.51 -11.63 -0.71
CG MSE B 109 8.27 -12.51 0.50
SE MSE B 109 7.20 -11.58 1.87
CE MSE B 109 8.61 -11.36 3.21
N LEU B 110 5.87 -9.90 -0.80
CA LEU B 110 4.56 -9.47 -0.27
C LEU B 110 3.39 -9.69 -1.24
N GLU B 111 3.68 -9.77 -2.55
CA GLU B 111 2.64 -10.07 -3.55
C GLU B 111 2.21 -11.52 -3.40
N GLU B 112 3.14 -12.44 -3.68
CA GLU B 112 2.97 -13.87 -3.42
C GLU B 112 2.22 -14.16 -2.12
N PHE B 113 2.70 -13.58 -1.02
CA PHE B 113 2.12 -13.83 0.28
C PHE B 113 0.69 -13.30 0.36
N SER B 114 0.46 -12.10 -0.14
CA SER B 114 -0.88 -11.50 -0.04
C SER B 114 -1.96 -12.27 -0.81
N LEU B 115 -1.52 -12.79 -1.96
CA LEU B 115 -2.33 -13.59 -2.85
C LEU B 115 -2.80 -14.85 -2.10
N VAL B 116 -1.86 -15.50 -1.40
CA VAL B 116 -2.15 -16.70 -0.64
C VAL B 116 -3.05 -16.35 0.55
N VAL B 117 -2.67 -15.36 1.34
CA VAL B 117 -3.48 -14.98 2.46
C VAL B 117 -4.90 -14.74 1.98
N HIS B 118 -5.03 -14.12 0.82
CA HIS B 118 -6.32 -13.77 0.25
C HIS B 118 -7.21 -14.98 0.08
N HIS B 119 -6.75 -15.90 -0.75
CA HIS B 119 -7.46 -17.12 -1.08
C HIS B 119 -7.80 -17.92 0.13
N CYS B 120 -6.84 -18.09 1.03
CA CYS B 120 -7.09 -18.81 2.26
C CYS B 120 -8.16 -18.09 3.05
N ARG B 121 -8.11 -16.77 3.08
CA ARG B 121 -9.08 -16.00 3.84
C ARG B 121 -10.45 -16.26 3.22
N LEU B 122 -10.47 -16.35 1.88
CA LEU B 122 -11.72 -16.61 1.18
C LEU B 122 -12.25 -18.01 1.44
N LEU B 123 -11.34 -18.98 1.44
CA LEU B 123 -11.74 -20.35 1.76
C LEU B 123 -12.42 -20.43 3.15
N GLY B 124 -11.97 -19.59 4.06
CA GLY B 124 -12.57 -19.50 5.35
C GLY B 124 -14.01 -19.08 5.29
N GLU B 125 -14.34 -18.14 4.41
CA GLU B 125 -15.73 -17.64 4.29
C GLU B 125 -16.65 -18.70 3.65
N GLU B 126 -16.16 -19.41 2.63
CA GLU B 126 -16.92 -20.50 2.04
C GLU B 126 -17.39 -21.52 3.10
N ILE B 127 -16.49 -21.90 4.00
CA ILE B 127 -16.78 -22.88 5.03
C ILE B 127 -17.88 -22.36 5.97
N GLU B 128 -17.88 -21.07 6.17
CA GLU B 128 -18.83 -20.46 7.05
C GLU B 128 -20.22 -20.38 6.34
N TYR B 129 -20.15 -20.32 5.02
CA TYR B 129 -21.33 -20.20 4.24
C TYR B 129 -21.93 -21.59 4.25
N LEU B 130 -21.07 -22.55 3.95
CA LEU B 130 -21.48 -23.94 3.92
C LEU B 130 -21.92 -24.36 5.29
N LYS B 131 -21.42 -23.71 6.33
CA LYS B 131 -21.89 -24.01 7.69
C LYS B 131 -23.29 -23.53 7.89
N ARG B 132 -23.69 -22.53 7.12
CA ARG B 132 -25.03 -21.99 7.28
C ARG B 132 -26.02 -22.61 6.29
N TRP B 133 -25.65 -22.59 5.03
CA TRP B 133 -26.53 -22.91 3.95
C TRP B 133 -26.37 -24.25 3.34
N GLY B 134 -25.61 -25.12 3.94
CA GLY B 134 -25.27 -26.37 3.32
C GLY B 134 -26.46 -27.23 3.01
N PRO B 135 -27.43 -27.22 3.89
CA PRO B 135 -28.55 -28.12 3.84
C PRO B 135 -29.30 -27.97 2.54
N ASN B 136 -29.27 -26.80 1.97
CA ASN B 136 -29.81 -26.59 0.68
C ASN B 136 -29.03 -27.40 -0.34
N TYR B 137 -27.85 -27.83 0.01
CA TYR B 137 -27.06 -28.57 -0.93
C TYR B 137 -26.96 -30.03 -0.56
N ASN B 138 -27.79 -30.41 0.41
CA ASN B 138 -27.74 -31.72 1.04
C ASN B 138 -26.47 -32.00 1.84
N LEU B 139 -25.91 -30.95 2.47
CA LEU B 139 -24.73 -31.14 3.29
C LEU B 139 -25.09 -30.95 4.73
N MSE B 140 -25.05 -32.03 5.48
CA MSE B 140 -25.51 -31.97 6.86
C MSE B 140 -24.56 -31.21 7.72
O MSE B 140 -24.96 -30.53 8.68
CB MSE B 140 -25.61 -33.41 7.39
CG MSE B 140 -26.82 -34.10 6.76
SE MSE B 140 -28.37 -32.89 6.56
CE MSE B 140 -29.06 -33.71 8.25
N ASN B 141 -23.30 -31.33 7.40
CA ASN B 141 -22.27 -30.86 8.28
C ASN B 141 -20.89 -30.77 7.63
N ILE B 142 -20.09 -29.82 8.10
CA ILE B 142 -18.70 -29.76 7.75
C ILE B 142 -17.89 -29.84 8.98
N ASP B 143 -16.76 -30.51 8.84
CA ASP B 143 -15.92 -30.82 9.92
C ASP B 143 -14.46 -30.66 9.49
N ILE B 144 -13.70 -29.96 10.30
CA ILE B 144 -12.32 -29.64 9.91
C ILE B 144 -11.42 -30.34 10.85
N ASN B 145 -10.51 -31.11 10.29
CA ASN B 145 -9.56 -31.75 11.11
C ASN B 145 -8.29 -31.71 10.34
N ASN B 146 -7.39 -30.82 10.77
CA ASN B 146 -6.06 -30.71 10.21
C ASN B 146 -6.08 -30.52 8.71
N ASN B 147 -6.81 -29.55 8.25
CA ASN B 147 -6.73 -29.27 6.84
C ASN B 147 -7.39 -30.35 5.94
N GLU B 148 -8.09 -31.25 6.62
CA GLU B 148 -9.01 -32.18 5.98
C GLU B 148 -10.38 -31.59 6.21
N LEU B 149 -11.16 -31.50 5.15
CA LEU B 149 -12.53 -31.17 5.31
C LEU B 149 -13.32 -32.43 5.17
N ARG B 150 -14.17 -32.71 6.17
CA ARG B 150 -15.10 -33.83 6.10
C ARG B 150 -16.49 -33.35 5.85
N LEU B 151 -17.04 -33.66 4.70
CA LEU B 151 -18.37 -33.17 4.29
C LEU B 151 -19.36 -34.31 4.34
N LEU B 152 -20.34 -34.21 5.23
CA LEU B 152 -21.36 -35.21 5.37
C LEU B 152 -22.58 -34.80 4.60
N PHE B 153 -22.95 -35.61 3.61
CA PHE B 153 -24.19 -35.38 2.80
C PHE B 153 -25.31 -36.37 3.13
N SER B 154 -26.54 -35.95 2.99
CA SER B 154 -27.65 -36.82 3.40
C SER B 154 -28.99 -36.47 2.77
N SER B 155 -29.45 -37.32 1.84
CA SER B 155 -30.78 -37.14 1.24
C SER B 155 -31.72 -38.29 1.53
N SER B 156 -32.89 -37.95 2.05
CA SER B 156 -33.88 -38.98 2.21
C SER B 156 -34.56 -39.17 0.83
N ALA B 157 -34.77 -38.09 0.09
CA ALA B 157 -35.17 -38.22 -1.31
C ALA B 157 -34.29 -39.11 -2.19
N ALA B 158 -32.98 -39.14 -2.01
CA ALA B 158 -32.16 -39.91 -2.97
C ALA B 158 -31.65 -41.19 -2.34
N PHE B 159 -32.08 -41.35 -1.10
CA PHE B 159 -31.69 -42.50 -0.30
C PHE B 159 -30.21 -42.68 -0.08
N ALA B 160 -29.40 -41.62 -0.21
CA ALA B 160 -27.93 -41.75 0.09
C ALA B 160 -27.46 -40.89 1.28
N LYS B 161 -26.35 -41.34 1.87
CA LYS B 161 -25.72 -40.65 2.97
C LYS B 161 -24.28 -41.10 2.93
N PHE B 162 -23.36 -40.15 2.81
CA PHE B 162 -21.92 -40.46 2.75
C PHE B 162 -21.14 -39.24 3.21
N GLU B 163 -19.85 -39.43 3.43
CA GLU B 163 -18.96 -38.40 3.92
C GLU B 163 -17.74 -38.32 3.00
N ILE B 164 -17.64 -37.17 2.32
CA ILE B 164 -16.50 -36.85 1.48
C ILE B 164 -15.43 -36.15 2.29
N THR B 165 -14.21 -36.63 2.17
CA THR B 165 -13.04 -35.95 2.70
C THR B 165 -12.23 -35.20 1.62
N LEU B 166 -12.09 -33.90 1.82
CA LEU B 166 -11.40 -33.04 0.90
C LEU B 166 -10.08 -32.61 1.51
N PHE B 167 -9.01 -32.68 0.69
CA PHE B 167 -7.65 -32.37 1.12
C PHE B 167 -7.17 -31.02 0.63
N LEU B 168 -7.17 -30.05 1.55
CA LEU B 168 -6.82 -28.68 1.22
C LEU B 168 -5.36 -28.39 1.52
N SER B 169 -4.81 -27.49 0.72
CA SER B 169 -3.51 -26.95 1.00
C SER B 169 -3.59 -25.44 0.95
N ALA B 170 -2.46 -24.81 1.29
CA ALA B 170 -2.29 -23.37 1.21
C ALA B 170 -2.47 -22.83 -0.20
N TYR B 171 -2.33 -23.70 -1.20
CA TYR B 171 -2.43 -23.30 -2.62
C TYR B 171 -3.85 -23.19 -3.21
N TYR B 172 -4.86 -23.45 -2.38
CA TYR B 172 -6.26 -23.35 -2.76
C TYR B 172 -6.44 -21.95 -3.37
N PRO B 173 -7.32 -21.80 -4.38
CA PRO B 173 -8.14 -22.80 -5.07
C PRO B 173 -7.57 -23.17 -6.43
N SER B 174 -6.27 -23.03 -6.57
CA SER B 174 -5.65 -23.25 -7.87
C SER B 174 -5.43 -24.75 -8.10
N VAL B 175 -5.47 -25.54 -7.01
CA VAL B 175 -5.00 -26.94 -7.08
C VAL B 175 -6.14 -27.96 -6.95
N PRO B 176 -6.12 -28.98 -7.86
CA PRO B 176 -7.05 -30.11 -7.89
C PRO B 176 -7.09 -30.83 -6.54
N LEU B 177 -8.29 -30.98 -5.98
CA LEU B 177 -8.42 -31.48 -4.61
C LEU B 177 -8.51 -32.99 -4.41
N PRO B 178 -7.50 -33.59 -3.72
CA PRO B 178 -7.61 -34.99 -3.26
C PRO B 178 -8.88 -35.21 -2.44
N SER B 179 -9.54 -36.34 -2.70
CA SER B 179 -10.77 -36.70 -2.03
C SER B 179 -10.81 -38.16 -1.77
N THR B 180 -11.47 -38.51 -0.67
CA THR B 180 -11.90 -39.89 -0.47
C THR B 180 -13.38 -39.88 -0.13
N ILE B 181 -13.99 -41.05 0.00
CA ILE B 181 -15.43 -41.08 0.27
C ILE B 181 -15.73 -42.21 1.20
N GLN B 182 -16.72 -42.03 2.06
CA GLN B 182 -17.06 -43.10 2.97
C GLN B 182 -18.55 -43.25 3.06
N ASN B 183 -19.06 -44.29 2.42
CA ASN B 183 -20.50 -44.49 2.28
C ASN B 183 -21.16 -44.88 3.57
N HIS B 184 -22.33 -44.33 3.85
CA HIS B 184 -23.11 -44.87 4.91
C HIS B 184 -24.24 -45.66 4.34
N VAL B 185 -24.90 -45.13 3.32
CA VAL B 185 -26.08 -45.76 2.80
C VAL B 185 -26.05 -45.32 1.38
N GLY B 186 -26.04 -46.28 0.46
CA GLY B 186 -26.08 -45.94 -0.96
C GLY B 186 -24.74 -46.34 -1.51
N ASN B 187 -24.65 -46.40 -2.83
CA ASN B 187 -23.39 -46.83 -3.47
C ASN B 187 -22.79 -45.75 -4.36
N THR B 188 -22.05 -44.84 -3.77
CA THR B 188 -21.37 -43.82 -4.57
C THR B 188 -19.88 -44.13 -4.56
N SER B 189 -19.28 -44.19 -5.73
CA SER B 189 -17.87 -44.62 -5.79
C SER B 189 -16.83 -43.49 -5.75
N GLN B 190 -15.63 -43.81 -5.29
CA GLN B 190 -14.48 -42.92 -5.44
C GLN B 190 -14.48 -42.31 -6.86
N ASP B 191 -14.69 -43.16 -7.86
CA ASP B 191 -14.64 -42.74 -9.27
C ASP B 191 -15.77 -41.80 -9.64
N ASP B 192 -16.94 -42.02 -9.04
CA ASP B 192 -18.09 -41.13 -9.21
C ASP B 192 -17.65 -39.73 -8.82
N ILE B 193 -17.11 -39.62 -7.61
CA ILE B 193 -16.70 -38.36 -6.99
C ILE B 193 -15.56 -37.68 -7.77
N ALA B 194 -14.48 -38.42 -8.02
CA ALA B 194 -13.34 -37.92 -8.80
C ALA B 194 -13.72 -37.12 -10.05
N THR B 195 -14.75 -37.56 -10.75
CA THR B 195 -15.10 -36.96 -12.03
C THR B 195 -16.10 -35.79 -11.84
N ILE B 196 -16.90 -35.85 -10.77
CA ILE B 196 -17.74 -34.71 -10.37
C ILE B 196 -16.87 -33.49 -10.04
N LEU B 197 -15.69 -33.77 -9.47
CA LEU B 197 -14.72 -32.77 -9.02
C LEU B 197 -13.96 -32.13 -10.16
N SER B 198 -13.61 -32.98 -11.12
CA SER B 198 -12.78 -32.61 -12.26
C SER B 198 -13.55 -31.83 -13.31
N LYS B 199 -14.79 -31.44 -13.00
CA LYS B 199 -15.49 -30.51 -13.89
C LYS B 199 -15.84 -29.21 -13.18
N VAL B 200 -15.51 -29.12 -11.90
CA VAL B 200 -15.55 -27.82 -11.22
C VAL B 200 -14.19 -27.16 -11.44
N PRO B 201 -14.22 -25.93 -11.95
CA PRO B 201 -13.00 -25.21 -12.33
C PRO B 201 -12.19 -24.73 -11.15
N LEU B 202 -10.87 -24.65 -11.30
CA LEU B 202 -10.03 -24.17 -10.21
C LEU B 202 -10.08 -22.66 -10.20
N GLU B 203 -11.19 -22.16 -9.68
CA GLU B 203 -11.53 -20.73 -9.64
C GLU B 203 -12.11 -20.41 -8.27
N ASN B 204 -12.18 -19.13 -7.94
CA ASN B 204 -12.63 -18.74 -6.60
C ASN B 204 -14.05 -19.26 -6.33
N ASN B 205 -14.25 -19.74 -5.12
CA ASN B 205 -15.45 -20.48 -4.76
C ASN B 205 -15.40 -21.93 -5.08
N TYR B 206 -14.23 -22.46 -5.28
CA TYR B 206 -14.06 -23.83 -5.67
C TYR B 206 -14.75 -24.83 -4.70
N LEU B 207 -14.76 -24.56 -3.42
CA LEU B 207 -15.37 -25.49 -2.45
C LEU B 207 -16.87 -25.47 -2.61
N LYS B 208 -17.43 -24.25 -2.71
CA LYS B 208 -18.85 -24.04 -2.92
C LYS B 208 -19.35 -24.72 -4.20
N ASN B 209 -18.54 -24.62 -5.23
CA ASN B 209 -18.94 -25.11 -6.49
C ASN B 209 -18.81 -26.61 -6.57
N VAL B 210 -18.09 -27.19 -5.62
CA VAL B 210 -18.07 -28.65 -5.50
C VAL B 210 -19.28 -29.14 -4.71
N VAL B 211 -19.62 -28.47 -3.60
CA VAL B 211 -20.86 -28.79 -2.89
C VAL B 211 -22.06 -28.60 -3.84
N LYS B 212 -22.06 -27.55 -4.66
CA LYS B 212 -23.17 -27.33 -5.62
C LYS B 212 -23.22 -28.45 -6.67
N GLN B 213 -22.08 -28.97 -7.07
CA GLN B 213 -22.01 -29.94 -8.15
C GLN B 213 -22.42 -31.33 -7.68
N ILE B 214 -21.88 -31.76 -6.54
CA ILE B 214 -22.32 -32.95 -5.83
C ILE B 214 -23.84 -32.93 -5.68
N TYR B 215 -24.40 -31.77 -5.33
CA TYR B 215 -25.82 -31.64 -5.22
C TYR B 215 -26.58 -31.82 -6.55
N GLN B 216 -26.23 -31.03 -7.56
CA GLN B 216 -26.83 -31.24 -8.89
C GLN B 216 -26.64 -32.64 -9.44
N ASP B 217 -25.42 -33.13 -9.40
CA ASP B 217 -25.15 -34.45 -9.89
C ASP B 217 -25.80 -35.60 -9.15
N LEU B 218 -25.88 -35.55 -7.84
CA LEU B 218 -26.39 -36.70 -7.12
C LEU B 218 -27.63 -36.56 -6.31
N PHE B 219 -28.03 -35.37 -5.95
CA PHE B 219 -29.21 -35.25 -5.12
C PHE B 219 -30.31 -34.48 -5.80
N GLN B 220 -30.10 -34.19 -7.07
CA GLN B 220 -30.90 -33.26 -7.82
C GLN B 220 -31.67 -34.09 -8.81
N ASP B 221 -32.96 -33.83 -8.94
CA ASP B 221 -33.76 -34.46 -9.97
C ASP B 221 -34.50 -33.32 -10.70
N GLN C 11 11.75 12.30 -14.25
CA GLN C 11 10.99 12.81 -15.41
C GLN C 11 11.68 14.06 -15.94
N ARG C 12 12.73 13.90 -16.73
CA ARG C 12 13.51 15.03 -17.18
C ARG C 12 12.55 15.93 -17.91
N LYS C 13 11.63 15.32 -18.66
CA LYS C 13 10.62 16.09 -19.37
C LYS C 13 10.16 17.20 -18.43
N TRP C 14 9.55 16.83 -17.31
CA TRP C 14 8.99 17.81 -16.42
C TRP C 14 9.98 18.64 -15.64
N TYR C 15 11.23 18.20 -15.52
CA TYR C 15 12.24 18.86 -14.67
C TYR C 15 13.52 19.19 -15.47
N PRO C 16 13.38 20.14 -16.39
CA PRO C 16 14.54 20.49 -17.21
C PRO C 16 15.53 21.33 -16.39
N LEU C 17 16.82 21.25 -16.78
CA LEU C 17 17.87 22.03 -16.12
C LEU C 17 18.34 23.15 -17.01
N ARG C 18 18.60 24.33 -16.43
CA ARG C 18 19.32 25.40 -17.09
C ARG C 18 20.53 24.94 -17.93
N PRO C 19 20.79 25.61 -19.06
CA PRO C 19 22.01 25.33 -19.84
C PRO C 19 23.14 26.33 -19.59
N GLN D 11 -16.67 -8.62 11.15
CA GLN D 11 -15.57 -9.47 10.55
C GLN D 11 -14.44 -9.82 11.53
N ARG D 12 -14.24 -8.96 12.53
CA ARG D 12 -13.47 -9.29 13.73
C ARG D 12 -14.18 -10.45 14.45
N LYS D 13 -15.45 -10.68 14.08
CA LYS D 13 -16.29 -11.72 14.68
C LYS D 13 -15.63 -13.10 14.53
N TRP D 14 -15.15 -13.41 13.33
CA TRP D 14 -14.47 -14.68 13.06
C TRP D 14 -13.04 -14.73 13.52
N TYR D 15 -12.40 -13.58 13.70
CA TYR D 15 -10.97 -13.58 14.03
C TYR D 15 -10.60 -12.85 15.32
N PRO D 16 -10.86 -13.47 16.49
CA PRO D 16 -10.48 -12.76 17.73
C PRO D 16 -8.95 -12.77 18.03
N LEU D 17 -8.46 -11.62 18.50
CA LEU D 17 -7.07 -11.44 18.96
C LEU D 17 -6.85 -12.02 20.36
N ARG D 18 -5.64 -12.57 20.56
CA ARG D 18 -5.18 -13.02 21.88
C ARG D 18 -5.19 -11.79 22.77
N PRO D 19 -5.83 -11.89 23.95
CA PRO D 19 -6.00 -10.69 24.78
C PRO D 19 -4.64 -10.25 25.34
CL CL E . 43.56 20.43 5.02
#